data_1BSP
#
_entry.id   1BSP
#
_cell.length_a   57.223
_cell.length_b   97.438
_cell.length_c   118.019
_cell.angle_alpha   90.00
_cell.angle_beta   90.00
_cell.angle_gamma   90.00
#
_symmetry.space_group_name_H-M   'P 21 21 21'
#
loop_
_entity.id
_entity.type
_entity.pdbx_description
1 polymer 'THYMIDYLATE SYNTHASE A'
2 non-polymer 'PHOSPHATE ION'
3 water water
#
_entity_poly.entity_id   1
_entity_poly.type   'polypeptide(L)'
_entity_poly.pdbx_seq_one_letter_code
;TQFDKQYNSIIKDIINNGISDEEFDVRTKWDSDGTPAHTLSVISKQMRFDNSEVPILTTKKVAWKTAIKELLWIWQLKSN
DVNDLNMMGVHIWDQWKQEDGTIGHAYGFQLGKKNRSLNGEKVDQVDYLLHQLKNNPSSRRHITMLWNPDELDAMALTPC
VYETQWYVKHGKLHLEVRARSNDMALGNPFNVFQYNVLQRMIAQVTGYELGEYIFNIGDCHVYTRHIDNLKIQMEREQFE
APELWINPEVKDFYDFTIDDFKLINYKHGDKLLFEVAV
;
_entity_poly.pdbx_strand_id   A,B
#
loop_
_chem_comp.id
_chem_comp.type
_chem_comp.name
_chem_comp.formula
PO4 non-polymer 'PHOSPHATE ION' 'O4 P -3'
#
# COMPACT_ATOMS: atom_id res chain seq x y z
N THR A 1 14.16 -16.88 9.51
CA THR A 1 13.47 -15.71 8.90
C THR A 1 14.31 -14.44 9.03
N GLN A 2 15.50 -14.59 9.61
CA GLN A 2 16.43 -13.48 9.83
C GLN A 2 16.32 -12.26 8.93
N PHE A 3 16.30 -11.12 9.59
CA PHE A 3 16.23 -9.83 8.94
C PHE A 3 17.57 -9.62 8.21
N ASP A 4 18.65 -10.09 8.82
CA ASP A 4 19.98 -9.96 8.21
C ASP A 4 19.96 -10.52 6.79
N LYS A 5 19.42 -11.73 6.66
CA LYS A 5 19.32 -12.43 5.38
C LYS A 5 18.64 -11.63 4.28
N GLN A 6 17.43 -11.14 4.57
CA GLN A 6 16.64 -10.38 3.61
C GLN A 6 17.16 -8.96 3.38
N TYR A 7 17.73 -8.37 4.42
CA TYR A 7 18.31 -7.03 4.38
C TYR A 7 19.45 -7.09 3.36
N ASN A 8 20.37 -8.02 3.59
CA ASN A 8 21.53 -8.22 2.73
C ASN A 8 21.11 -8.43 1.29
N SER A 9 20.08 -9.22 1.08
CA SER A 9 19.57 -9.49 -0.25
C SER A 9 19.13 -8.22 -0.97
N ILE A 10 18.36 -7.38 -0.28
CA ILE A 10 17.88 -6.15 -0.89
C ILE A 10 19.06 -5.19 -1.13
N ILE A 11 19.87 -4.98 -0.10
CA ILE A 11 21.02 -4.07 -0.21
C ILE A 11 21.89 -4.46 -1.41
N LYS A 12 22.25 -5.73 -1.50
CA LYS A 12 23.07 -6.22 -2.60
C LYS A 12 22.37 -5.91 -3.92
N ASP A 13 21.06 -6.09 -3.96
CA ASP A 13 20.29 -5.82 -5.17
C ASP A 13 20.41 -4.36 -5.56
N ILE A 14 20.12 -3.47 -4.62
CA ILE A 14 20.21 -2.04 -4.86
C ILE A 14 21.60 -1.66 -5.38
N ILE A 15 22.65 -2.25 -4.83
CA ILE A 15 23.99 -1.91 -5.30
C ILE A 15 24.29 -2.35 -6.72
N ASN A 16 23.98 -3.60 -7.05
CA ASN A 16 24.24 -4.09 -8.40
C ASN A 16 23.15 -3.90 -9.44
N ASN A 17 22.02 -3.30 -9.05
CA ASN A 17 20.95 -3.06 -10.01
C ASN A 17 20.17 -1.77 -9.71
N GLY A 18 20.71 -0.96 -8.82
CA GLY A 18 20.04 0.29 -8.48
C GLY A 18 20.08 1.34 -9.58
N ILE A 19 19.17 2.30 -9.47
CA ILE A 19 19.04 3.39 -10.42
C ILE A 19 19.51 4.67 -9.72
N SER A 20 20.54 5.30 -10.27
CA SER A 20 21.05 6.52 -9.67
C SER A 20 20.18 7.69 -10.06
N ASP A 21 20.12 8.68 -9.18
CA ASP A 21 19.36 9.91 -9.37
C ASP A 21 20.21 10.95 -10.09
N GLU A 23 21.65 14.12 -11.66
CA GLU A 23 21.71 14.62 -10.24
C GLU A 23 20.84 15.84 -9.96
N PHE A 24 20.16 16.34 -10.99
CA PHE A 24 19.27 17.49 -10.81
C PHE A 24 18.02 17.00 -10.06
N ASP A 25 18.10 15.76 -9.62
CA ASP A 25 16.98 15.10 -8.94
C ASP A 25 16.97 15.41 -7.43
N VAL A 26 17.98 14.85 -6.73
CA VAL A 26 18.02 15.03 -5.28
C VAL A 26 19.11 15.96 -4.75
N ARG A 27 18.66 16.91 -3.95
CA ARG A 27 19.53 17.89 -3.32
C ARG A 27 19.63 17.44 -1.87
N THR A 28 20.78 16.90 -1.50
CA THR A 28 20.99 16.45 -0.13
C THR A 28 22.45 16.65 0.23
N LYS A 29 22.75 17.80 0.83
CA LYS A 29 24.12 18.09 1.21
C LYS A 29 24.50 17.28 2.46
N TRP A 30 25.57 16.51 2.35
CA TRP A 30 26.06 15.73 3.48
C TRP A 30 26.39 16.64 4.65
N ASP A 31 25.70 16.42 5.77
CA ASP A 31 25.97 17.21 6.97
C ASP A 31 27.28 16.64 7.51
N SER A 32 28.38 17.19 7.02
CA SER A 32 29.72 16.75 7.40
C SER A 32 30.74 17.59 6.63
N ASP A 33 30.63 17.57 5.31
CA ASP A 33 31.54 18.34 4.46
C ASP A 33 30.80 19.21 3.43
N GLY A 34 29.48 19.23 3.53
CA GLY A 34 28.68 20.03 2.61
C GLY A 34 28.49 19.52 1.20
N THR A 35 29.17 18.45 0.82
CA THR A 35 29.06 17.90 -0.53
C THR A 35 27.71 17.19 -0.76
N PRO A 36 27.23 17.12 -2.01
CA PRO A 36 25.96 16.46 -2.36
C PRO A 36 25.91 14.96 -2.15
N ALA A 37 24.75 14.50 -1.66
CA ALA A 37 24.50 13.10 -1.38
C ALA A 37 23.72 12.49 -2.53
N HIS A 38 24.24 11.39 -3.06
CA HIS A 38 23.62 10.71 -4.20
C HIS A 38 23.08 9.34 -3.77
N THR A 39 22.03 8.89 -4.43
CA THR A 39 21.45 7.60 -4.10
C THR A 39 21.43 6.64 -5.26
N LEU A 40 21.07 5.41 -4.92
CA LEU A 40 20.87 4.32 -5.86
C LEU A 40 19.53 3.84 -5.34
N SER A 41 18.58 3.56 -6.22
CA SER A 41 17.30 3.11 -5.74
C SER A 41 16.68 2.03 -6.60
N VAL A 42 15.83 1.25 -5.97
CA VAL A 42 15.12 0.15 -6.59
C VAL A 42 13.65 0.37 -6.22
N ILE A 43 12.76 -0.23 -6.98
CA ILE A 43 11.34 -0.06 -6.73
C ILE A 43 10.69 -1.35 -6.25
N SER A 44 9.69 -1.19 -5.40
CA SER A 44 8.87 -2.26 -4.86
C SER A 44 9.59 -3.48 -4.30
N LYS A 45 10.01 -3.37 -3.06
CA LYS A 45 10.68 -4.48 -2.39
C LYS A 45 9.82 -4.90 -1.22
N GLN A 46 9.94 -6.16 -0.80
CA GLN A 46 9.14 -6.66 0.29
C GLN A 46 9.91 -7.68 1.11
N MET A 47 9.76 -7.61 2.42
CA MET A 47 10.39 -8.56 3.35
C MET A 47 9.25 -9.20 4.13
N ARG A 48 9.27 -10.53 4.23
CA ARG A 48 8.23 -11.25 4.94
C ARG A 48 8.79 -12.04 6.12
N PHE A 49 8.10 -11.99 7.25
CA PHE A 49 8.55 -12.69 8.44
C PHE A 49 7.39 -13.47 9.06
N ASP A 50 7.65 -14.71 9.47
CA ASP A 50 6.60 -15.54 10.07
C ASP A 50 6.50 -15.39 11.58
N ASN A 51 7.18 -14.38 12.12
CA ASN A 51 7.19 -14.11 13.55
C ASN A 51 7.73 -15.25 14.44
N SER A 52 8.58 -16.11 13.88
CA SER A 52 9.17 -17.19 14.67
C SER A 52 10.37 -16.61 15.42
N GLU A 53 10.71 -15.36 15.12
CA GLU A 53 11.80 -14.64 15.75
C GLU A 53 11.58 -13.17 15.48
N VAL A 54 12.14 -12.31 16.32
CA VAL A 54 12.00 -10.87 16.18
C VAL A 54 12.81 -10.45 14.97
N PRO A 55 12.20 -9.69 14.05
CA PRO A 55 12.93 -9.24 12.86
C PRO A 55 13.83 -8.06 13.23
N ILE A 56 15.11 -8.33 13.50
CA ILE A 56 16.04 -7.28 13.88
C ILE A 56 17.45 -7.58 13.40
N LEU A 57 18.23 -6.53 13.13
CA LEU A 57 19.60 -6.67 12.65
C LEU A 57 20.59 -7.06 13.74
N THR A 58 21.57 -7.88 13.37
CA THR A 58 22.61 -8.29 14.29
C THR A 58 23.99 -7.94 13.73
N THR A 59 24.04 -7.53 12.45
CA THR A 59 25.31 -7.14 11.81
C THR A 59 25.60 -5.68 12.17
N LYS A 60 24.61 -5.02 12.74
CA LYS A 60 24.71 -3.63 13.14
C LYS A 60 23.67 -3.49 14.26
N LYS A 61 23.98 -2.67 15.26
CA LYS A 61 23.04 -2.48 16.36
C LYS A 61 21.89 -1.60 15.90
N VAL A 62 20.69 -1.92 16.38
CA VAL A 62 19.49 -1.16 16.05
C VAL A 62 19.00 -0.52 17.34
N ALA A 63 18.56 0.73 17.26
CA ALA A 63 18.08 1.44 18.44
C ALA A 63 16.66 1.02 18.79
N TRP A 64 16.52 -0.22 19.27
CA TRP A 64 15.21 -0.75 19.62
C TRP A 64 14.37 0.11 20.57
N LYS A 65 14.97 0.59 21.66
CA LYS A 65 14.26 1.43 22.63
C LYS A 65 13.64 2.68 22.01
N THR A 66 14.39 3.33 21.13
CA THR A 66 13.91 4.55 20.49
C THR A 66 12.77 4.22 19.54
N ALA A 67 12.90 3.09 18.84
CA ALA A 67 11.87 2.65 17.91
C ALA A 67 10.55 2.53 18.66
N ILE A 68 10.60 1.94 19.85
CA ILE A 68 9.41 1.76 20.67
C ILE A 68 8.87 3.07 21.24
N LYS A 69 9.76 3.98 21.66
CA LYS A 69 9.31 5.26 22.21
C LYS A 69 8.57 6.08 21.17
N GLU A 70 9.08 6.10 19.95
CA GLU A 70 8.44 6.85 18.88
C GLU A 70 7.11 6.18 18.56
N LEU A 71 7.13 4.84 18.51
CA LEU A 71 5.95 4.05 18.25
C LEU A 71 4.82 4.45 19.21
N LEU A 72 5.11 4.42 20.51
CA LEU A 72 4.13 4.76 21.54
C LEU A 72 3.60 6.19 21.38
N TRP A 73 4.50 7.11 21.08
CA TRP A 73 4.17 8.51 20.89
C TRP A 73 3.16 8.68 19.74
N ILE A 74 3.38 7.94 18.65
CA ILE A 74 2.51 7.97 17.49
C ILE A 74 1.20 7.20 17.70
N TRP A 75 1.31 5.90 17.97
CA TRP A 75 0.15 5.04 18.14
C TRP A 75 -0.60 5.07 19.45
N GLN A 76 0.11 5.19 20.56
CA GLN A 76 -0.59 5.18 21.82
C GLN A 76 -1.03 6.56 22.28
N LEU A 77 -0.09 7.47 22.45
CA LEU A 77 -0.42 8.82 22.89
C LEU A 77 -1.16 9.54 21.75
N LYS A 78 -0.83 9.16 20.52
CA LYS A 78 -1.43 9.73 19.31
C LYS A 78 -1.23 11.23 19.29
N SER A 79 0.02 11.66 19.46
CA SER A 79 0.31 13.09 19.46
C SER A 79 1.25 13.53 18.35
N ASN A 80 1.12 14.80 17.99
CA ASN A 80 1.94 15.42 16.96
C ASN A 80 2.87 16.40 17.67
N ASP A 81 2.87 16.35 18.99
CA ASP A 81 3.68 17.23 19.82
C ASP A 81 5.05 16.64 20.11
N VAL A 82 6.10 17.32 19.67
CA VAL A 82 7.47 16.88 19.87
C VAL A 82 7.88 17.00 21.34
N ASN A 83 7.18 17.87 22.08
CA ASN A 83 7.48 18.04 23.51
C ASN A 83 7.26 16.72 24.25
N ASP A 84 6.09 16.11 24.05
CA ASP A 84 5.76 14.83 24.69
C ASP A 84 6.88 13.86 24.41
N LEU A 85 7.27 13.76 23.15
CA LEU A 85 8.34 12.87 22.75
C LEU A 85 9.66 13.25 23.41
N ASN A 86 9.85 14.55 23.67
CA ASN A 86 11.08 15.02 24.33
C ASN A 86 11.11 14.56 25.77
N MET A 87 9.95 14.56 26.41
CA MET A 87 9.82 14.10 27.79
C MET A 87 10.07 12.60 27.86
N MET A 88 10.00 11.92 26.71
CA MET A 88 10.27 10.49 26.65
C MET A 88 11.78 10.27 26.45
N GLY A 89 12.54 11.36 26.44
CA GLY A 89 13.98 11.28 26.25
C GLY A 89 14.42 11.12 24.81
N VAL A 90 13.58 11.55 23.87
CA VAL A 90 13.90 11.47 22.45
C VAL A 90 13.98 12.86 21.83
N HIS A 91 15.01 13.09 21.02
CA HIS A 91 15.20 14.39 20.37
C HIS A 91 15.37 14.33 18.86
N ILE A 92 15.13 13.17 18.26
CA ILE A 92 15.30 13.01 16.81
C ILE A 92 14.19 13.61 15.92
N TRP A 93 13.33 14.44 16.49
CA TRP A 93 12.24 15.06 15.73
C TRP A 93 12.17 16.57 15.86
N ASP A 94 13.07 17.13 16.67
CA ASP A 94 13.11 18.57 16.92
C ASP A 94 13.32 19.41 15.66
N GLN A 95 14.00 18.84 14.67
CA GLN A 95 14.27 19.54 13.41
C GLN A 95 13.00 19.81 12.59
N TRP A 96 11.88 19.24 13.01
CA TRP A 96 10.61 19.43 12.33
C TRP A 96 9.58 20.07 13.27
N LYS A 97 10.05 20.50 14.42
CA LYS A 97 9.20 21.12 15.42
C LYS A 97 8.69 22.49 14.95
N GLN A 98 7.40 22.59 14.70
CA GLN A 98 6.79 23.85 14.26
C GLN A 98 6.74 24.86 15.42
N GLU A 99 6.19 26.04 15.13
CA GLU A 99 6.08 27.11 16.12
C GLU A 99 5.44 26.66 17.43
N ASP A 100 4.37 25.89 17.32
CA ASP A 100 3.65 25.40 18.49
C ASP A 100 4.23 24.10 19.07
N GLY A 101 5.36 23.65 18.55
CA GLY A 101 5.97 22.44 19.05
C GLY A 101 5.46 21.15 18.41
N THR A 102 4.46 21.26 17.54
CA THR A 102 3.89 20.10 16.88
C THR A 102 4.47 19.93 15.47
N ILE A 103 4.13 18.82 14.82
CA ILE A 103 4.60 18.57 13.45
C ILE A 103 3.43 18.74 12.49
N GLY A 104 2.57 19.72 12.79
CA GLY A 104 1.41 19.96 11.95
C GLY A 104 0.34 18.93 12.23
N HIS A 105 -0.36 18.51 11.19
CA HIS A 105 -1.42 17.52 11.31
C HIS A 105 -0.95 16.17 10.79
N ALA A 106 0.24 15.76 11.22
CA ALA A 106 0.83 14.52 10.77
C ALA A 106 0.88 13.44 11.85
N TYR A 107 1.27 12.23 11.42
CA TYR A 107 1.40 11.07 12.28
C TYR A 107 0.33 10.92 13.37
N GLY A 108 0.74 10.94 14.63
CA GLY A 108 -0.19 10.80 15.73
C GLY A 108 -1.47 11.61 15.61
N PHE A 109 -1.37 12.81 15.04
CA PHE A 109 -2.56 13.63 14.89
C PHE A 109 -3.65 12.90 14.13
N GLN A 110 -3.28 12.20 13.05
CA GLN A 110 -4.21 11.44 12.22
C GLN A 110 -4.87 10.30 12.97
N LEU A 111 -4.06 9.56 13.72
CA LEU A 111 -4.55 8.42 14.50
C LEU A 111 -5.52 8.85 15.60
N GLY A 112 -5.39 10.08 16.06
CA GLY A 112 -6.26 10.55 17.11
C GLY A 112 -7.56 11.23 16.69
N LYS A 113 -7.72 11.54 15.41
CA LYS A 113 -8.94 12.21 14.93
C LYS A 113 -10.16 11.32 15.13
N LYS A 114 -11.19 11.83 15.79
CA LYS A 114 -12.41 11.06 16.02
C LYS A 114 -13.28 11.16 14.78
N ASN A 115 -12.98 10.33 13.79
CA ASN A 115 -13.72 10.37 12.54
C ASN A 115 -14.54 9.12 12.18
N ARG A 116 -14.52 8.10 13.03
CA ARG A 116 -15.29 6.89 12.76
C ARG A 116 -16.50 6.72 13.68
N SER A 117 -17.67 6.53 13.09
CA SER A 117 -18.90 6.38 13.84
C SER A 117 -19.01 4.96 14.37
N LEU A 118 -18.75 4.78 15.66
CA LEU A 118 -18.85 3.47 16.29
C LEU A 118 -19.81 3.56 17.48
N ASN A 119 -20.94 2.86 17.36
CA ASN A 119 -21.96 2.81 18.41
C ASN A 119 -22.46 4.19 18.85
N GLY A 120 -22.83 5.00 17.87
CA GLY A 120 -23.35 6.32 18.18
C GLY A 120 -22.32 7.36 18.59
N GLU A 121 -21.04 7.01 18.60
CA GLU A 121 -20.03 7.99 18.96
C GLU A 121 -18.83 7.96 18.02
N LYS A 122 -18.23 9.13 17.82
CA LYS A 122 -17.07 9.29 16.95
C LYS A 122 -15.85 8.70 17.67
N VAL A 123 -15.16 7.80 17.00
CA VAL A 123 -13.99 7.12 17.55
C VAL A 123 -12.82 7.32 16.58
N ASP A 124 -11.60 7.22 17.07
CA ASP A 124 -10.45 7.38 16.18
C ASP A 124 -10.02 6.08 15.52
N GLN A 125 -9.09 6.17 14.58
CA GLN A 125 -8.59 5.02 13.84
C GLN A 125 -8.08 3.85 14.64
N VAL A 126 -7.37 4.14 15.73
CA VAL A 126 -6.82 3.08 16.58
C VAL A 126 -7.93 2.36 17.34
N ASP A 127 -8.84 3.14 17.92
CA ASP A 127 -9.96 2.57 18.66
C ASP A 127 -10.81 1.69 17.78
N TYR A 128 -11.26 2.26 16.67
CA TYR A 128 -12.10 1.54 15.70
C TYR A 128 -11.46 0.22 15.32
N LEU A 129 -10.17 0.24 15.04
CA LEU A 129 -9.44 -0.97 14.65
C LEU A 129 -9.50 -2.03 15.73
N LEU A 130 -9.05 -1.66 16.94
CA LEU A 130 -9.02 -2.58 18.07
C LEU A 130 -10.38 -3.26 18.27
N HIS A 131 -11.44 -2.45 18.26
CA HIS A 131 -12.79 -2.98 18.40
C HIS A 131 -13.15 -3.94 17.28
N GLN A 132 -12.92 -3.52 16.03
CA GLN A 132 -13.23 -4.34 14.86
C GLN A 132 -12.38 -5.60 14.75
N LEU A 133 -11.21 -5.62 15.38
CA LEU A 133 -10.36 -6.80 15.31
C LEU A 133 -10.94 -7.93 16.17
N LYS A 134 -11.71 -7.56 17.20
CA LYS A 134 -12.31 -8.55 18.09
C LYS A 134 -13.70 -8.86 17.62
N ASN A 135 -14.50 -7.82 17.44
CA ASN A 135 -15.89 -7.93 17.04
C ASN A 135 -16.21 -8.05 15.56
N ASN A 136 -15.20 -8.22 14.71
CA ASN A 136 -15.43 -8.32 13.28
C ASN A 136 -14.12 -8.71 12.62
N PRO A 137 -13.51 -9.81 13.08
CA PRO A 137 -12.25 -10.29 12.55
C PRO A 137 -12.21 -10.50 11.02
N SER A 138 -13.24 -11.13 10.48
CA SER A 138 -13.32 -11.44 9.05
C SER A 138 -13.25 -10.24 8.09
N SER A 139 -13.31 -9.03 8.64
CA SER A 139 -13.27 -7.84 7.80
C SER A 139 -12.04 -7.70 6.93
N ARG A 140 -12.24 -7.26 5.70
CA ARG A 140 -11.15 -7.04 4.74
C ARG A 140 -10.75 -5.57 4.73
N ARG A 141 -11.26 -4.80 5.69
CA ARG A 141 -11.00 -3.38 5.80
C ARG A 141 -10.25 -2.92 7.06
N HIS A 142 -9.41 -3.76 7.64
CA HIS A 142 -8.66 -3.36 8.84
C HIS A 142 -7.47 -2.51 8.38
N ILE A 143 -7.75 -1.24 8.13
CA ILE A 143 -6.74 -0.32 7.60
C ILE A 143 -6.57 0.98 8.37
N THR A 144 -5.32 1.34 8.65
CA THR A 144 -5.00 2.62 9.32
C THR A 144 -4.29 3.45 8.23
N MET A 145 -4.68 4.71 8.11
CA MET A 145 -4.16 5.58 7.09
C MET A 145 -3.63 6.90 7.61
N LEU A 146 -2.33 7.12 7.46
CA LEU A 146 -1.71 8.37 7.85
C LEU A 146 -1.75 9.37 6.69
N TRP A 147 -1.72 8.87 5.47
CA TRP A 147 -1.72 9.72 4.27
C TRP A 147 -3.11 10.34 4.01
N ASN A 148 -3.49 11.33 4.80
CA ASN A 148 -4.78 12.00 4.62
C ASN A 148 -4.62 13.07 3.54
N PRO A 149 -5.20 12.83 2.35
CA PRO A 149 -5.10 13.78 1.24
C PRO A 149 -5.62 15.19 1.50
N ASP A 150 -6.63 15.31 2.36
CA ASP A 150 -7.21 16.61 2.68
C ASP A 150 -6.34 17.48 3.56
N GLU A 151 -5.28 16.91 4.13
CA GLU A 151 -4.41 17.69 5.02
C GLU A 151 -2.92 17.56 4.78
N LEU A 152 -2.51 17.03 3.62
CA LEU A 152 -1.09 16.86 3.32
C LEU A 152 -0.30 18.17 3.47
N ASP A 153 -0.96 19.29 3.17
CA ASP A 153 -0.30 20.59 3.29
C ASP A 153 -0.09 21.01 4.72
N ALA A 154 -0.95 20.54 5.60
CA ALA A 154 -0.86 20.90 7.02
C ALA A 154 0.10 20.01 7.79
N MET A 155 0.92 19.23 7.08
CA MET A 155 1.85 18.34 7.75
C MET A 155 3.29 18.83 7.62
N ALA A 156 3.94 19.06 8.76
CA ALA A 156 5.33 19.52 8.80
C ALA A 156 6.24 18.50 8.11
N LEU A 157 5.70 17.31 7.86
CA LEU A 157 6.43 16.25 7.18
C LEU A 157 5.46 15.10 6.89
N THR A 158 5.57 14.52 5.70
CA THR A 158 4.73 13.41 5.29
C THR A 158 5.38 12.11 5.75
N PRO A 159 4.57 11.11 6.13
CA PRO A 159 5.07 9.83 6.60
C PRO A 159 5.63 8.87 5.56
N CYS A 160 6.68 8.15 5.93
CA CYS A 160 7.28 7.15 5.08
C CYS A 160 6.36 5.93 5.22
N VAL A 161 6.24 5.40 6.44
CA VAL A 161 5.35 4.28 6.73
C VAL A 161 4.03 4.98 7.03
N TYR A 162 3.13 4.98 6.05
CA TYR A 162 1.87 5.68 6.20
C TYR A 162 0.63 4.80 6.34
N GLU A 163 0.79 3.48 6.25
CA GLU A 163 -0.38 2.61 6.33
C GLU A 163 -0.10 1.18 6.77
N THR A 164 -1.14 0.52 7.26
CA THR A 164 -1.05 -0.87 7.70
C THR A 164 -2.40 -1.53 7.42
N GLN A 165 -2.36 -2.85 7.17
CA GLN A 165 -3.57 -3.62 6.98
C GLN A 165 -3.40 -4.88 7.82
N TRP A 166 -4.41 -5.17 8.63
CA TRP A 166 -4.39 -6.32 9.53
C TRP A 166 -5.36 -7.37 9.03
N TYR A 167 -5.04 -8.64 9.25
CA TYR A 167 -5.90 -9.72 8.83
C TYR A 167 -5.98 -10.79 9.91
N VAL A 168 -7.18 -11.24 10.23
CA VAL A 168 -7.34 -12.33 11.19
C VAL A 168 -7.67 -13.55 10.33
N LYS A 169 -6.74 -14.50 10.21
CA LYS A 169 -6.95 -15.70 9.41
C LYS A 169 -6.61 -16.91 10.26
N HIS A 170 -7.64 -17.62 10.73
CA HIS A 170 -7.47 -18.82 11.57
C HIS A 170 -6.91 -18.53 12.97
N GLY A 171 -7.51 -17.56 13.65
CA GLY A 171 -7.07 -17.20 14.99
C GLY A 171 -5.75 -16.46 15.08
N LYS A 172 -5.12 -16.25 13.92
CA LYS A 172 -3.84 -15.55 13.82
C LYS A 172 -3.98 -14.12 13.32
N LEU A 173 -3.19 -13.22 13.89
CA LEU A 173 -3.21 -11.81 13.47
C LEU A 173 -1.99 -11.51 12.60
N HIS A 174 -2.26 -11.18 11.33
CA HIS A 174 -1.23 -10.86 10.33
C HIS A 174 -1.17 -9.35 10.13
N LEU A 175 0.03 -8.84 9.86
CA LEU A 175 0.20 -7.41 9.65
C LEU A 175 1.01 -7.10 8.40
N GLU A 176 0.51 -6.15 7.63
CA GLU A 176 1.16 -5.70 6.41
C GLU A 176 1.24 -4.18 6.48
N VAL A 177 2.45 -3.66 6.39
CA VAL A 177 2.68 -2.22 6.43
C VAL A 177 3.41 -1.81 5.16
N ARG A 178 3.25 -0.55 4.79
CA ARG A 178 3.92 -0.07 3.61
C ARG A 178 4.61 1.27 3.80
N ALA A 179 5.83 1.33 3.30
CA ALA A 179 6.65 2.54 3.34
C ALA A 179 6.78 3.01 1.89
N ARG A 180 6.34 4.23 1.63
CA ARG A 180 6.43 4.80 0.28
C ARG A 180 7.89 5.00 -0.13
N SER A 181 8.71 5.29 0.87
CA SER A 181 10.12 5.53 0.68
C SER A 181 10.81 5.02 1.94
N ASN A 182 12.03 4.53 1.79
CA ASN A 182 12.76 4.05 2.95
C ASN A 182 14.25 4.02 2.67
N ASP A 183 15.01 4.59 3.59
CA ASP A 183 16.46 4.62 3.51
C ASP A 183 16.88 3.29 4.11
N MET A 184 17.41 2.40 3.28
CA MET A 184 17.81 1.08 3.75
C MET A 184 18.85 1.06 4.86
N ALA A 185 19.79 2.00 4.81
CA ALA A 185 20.86 2.05 5.80
C ALA A 185 20.45 2.52 7.19
N LEU A 186 19.74 3.64 7.26
CA LEU A 186 19.33 4.20 8.53
C LEU A 186 17.89 3.92 8.94
N GLY A 187 16.95 4.35 8.12
CA GLY A 187 15.54 4.18 8.44
C GLY A 187 14.92 2.80 8.44
N ASN A 188 15.26 1.95 7.47
CA ASN A 188 14.64 0.63 7.37
C ASN A 188 14.72 -0.27 8.60
N PRO A 189 15.93 -0.62 9.06
CA PRO A 189 16.06 -1.50 10.23
C PRO A 189 15.24 -1.02 11.42
N PHE A 190 15.25 0.29 11.62
CA PHE A 190 14.52 0.93 12.70
C PHE A 190 13.02 0.68 12.53
N ASN A 191 12.50 0.90 11.32
CA ASN A 191 11.07 0.72 11.05
C ASN A 191 10.52 -0.71 11.01
N VAL A 192 11.30 -1.65 10.49
CA VAL A 192 10.86 -3.04 10.43
C VAL A 192 10.60 -3.59 11.84
N PHE A 193 11.58 -3.44 12.72
CA PHE A 193 11.44 -3.87 14.10
C PHE A 193 10.31 -3.08 14.76
N GLN A 194 10.28 -1.78 14.53
CA GLN A 194 9.27 -0.92 15.12
C GLN A 194 7.83 -1.37 14.91
N TYR A 195 7.47 -1.81 13.71
CA TYR A 195 6.10 -2.24 13.46
C TYR A 195 5.80 -3.67 13.89
N ASN A 196 6.84 -4.45 14.07
CA ASN A 196 6.65 -5.81 14.55
C ASN A 196 6.18 -5.67 16.00
N VAL A 197 6.83 -4.78 16.76
CA VAL A 197 6.44 -4.58 18.15
C VAL A 197 4.96 -4.21 18.22
N LEU A 198 4.50 -3.34 17.33
CA LEU A 198 3.09 -2.95 17.31
C LEU A 198 2.16 -4.16 17.08
N GLN A 199 2.58 -5.08 16.23
CA GLN A 199 1.81 -6.27 15.93
C GLN A 199 1.68 -7.08 17.20
N ARG A 200 2.82 -7.35 17.82
CA ARG A 200 2.89 -8.10 19.07
C ARG A 200 2.08 -7.46 20.18
N MET A 201 2.04 -6.14 20.22
CA MET A 201 1.28 -5.42 21.22
C MET A 201 -0.19 -5.63 20.96
N ILE A 202 -0.62 -5.32 19.75
CA ILE A 202 -2.02 -5.46 19.34
C ILE A 202 -2.53 -6.88 19.49
N ALA A 203 -1.72 -7.86 19.07
CA ALA A 203 -2.12 -9.27 19.15
C ALA A 203 -2.40 -9.71 20.57
N GLN A 204 -1.63 -9.18 21.52
CA GLN A 204 -1.78 -9.52 22.92
C GLN A 204 -3.08 -8.95 23.48
N VAL A 205 -3.31 -7.66 23.29
CA VAL A 205 -4.53 -7.05 23.81
C VAL A 205 -5.82 -7.57 23.16
N THR A 206 -5.72 -8.15 21.96
CA THR A 206 -6.89 -8.69 21.26
C THR A 206 -7.04 -10.19 21.44
N GLY A 207 -5.97 -10.84 21.89
CA GLY A 207 -6.02 -12.28 22.12
C GLY A 207 -5.90 -13.14 20.88
N TYR A 208 -4.98 -12.79 19.99
CA TYR A 208 -4.77 -13.57 18.79
C TYR A 208 -3.35 -14.08 18.81
N GLU A 209 -3.12 -15.19 18.13
CA GLU A 209 -1.77 -15.72 18.05
C GLU A 209 -1.08 -14.85 16.98
N LEU A 210 0.24 -14.94 16.89
CA LEU A 210 0.97 -14.14 15.92
C LEU A 210 0.96 -14.72 14.51
N GLY A 211 0.53 -13.88 13.56
CA GLY A 211 0.49 -14.28 12.17
C GLY A 211 1.75 -13.79 11.48
N GLU A 212 1.66 -13.60 10.17
CA GLU A 212 2.79 -13.17 9.37
C GLU A 212 3.00 -11.64 9.41
N TYR A 213 4.26 -11.21 9.30
CA TYR A 213 4.63 -9.79 9.30
C TYR A 213 5.18 -9.45 7.90
N ILE A 214 4.56 -8.50 7.23
CA ILE A 214 5.01 -8.13 5.89
C ILE A 214 5.35 -6.66 5.80
N PHE A 215 6.56 -6.35 5.34
CA PHE A 215 7.03 -4.97 5.21
C PHE A 215 7.27 -4.64 3.72
N ASN A 216 6.48 -3.71 3.20
CA ASN A 216 6.59 -3.31 1.81
C ASN A 216 7.22 -1.95 1.66
N ILE A 217 8.21 -1.87 0.77
CA ILE A 217 8.91 -0.63 0.51
C ILE A 217 8.72 -0.24 -0.95
N GLY A 218 8.27 1.00 -1.17
CA GLY A 218 8.06 1.51 -2.51
C GLY A 218 9.37 1.93 -3.15
N ASP A 219 9.94 3.04 -2.68
CA ASP A 219 11.22 3.53 -3.17
C ASP A 219 12.31 3.12 -2.20
N CYS A 220 13.04 2.07 -2.58
CA CYS A 220 14.10 1.48 -1.77
C CYS A 220 15.44 2.04 -2.19
N HIS A 221 15.98 2.98 -1.41
CA HIS A 221 17.24 3.62 -1.75
C HIS A 221 18.37 3.59 -0.72
N VAL A 222 19.58 3.83 -1.22
CA VAL A 222 20.79 3.85 -0.42
C VAL A 222 21.61 5.04 -0.88
N TYR A 223 22.33 5.66 0.04
CA TYR A 223 23.23 6.78 -0.27
C TYR A 223 24.56 6.18 -0.69
N THR A 224 25.13 6.64 -1.80
CA THR A 224 26.38 6.10 -2.30
C THR A 224 27.52 6.10 -1.29
N ARG A 225 27.57 7.13 -0.45
CA ARG A 225 28.60 7.23 0.57
C ARG A 225 28.58 6.06 1.55
N HIS A 226 27.40 5.48 1.75
CA HIS A 226 27.22 4.36 2.67
C HIS A 226 27.64 3.02 2.10
N ILE A 227 27.66 2.91 0.78
CA ILE A 227 27.97 1.64 0.13
C ILE A 227 29.18 0.87 0.63
N ASP A 228 30.27 1.57 0.94
CA ASP A 228 31.47 0.91 1.43
C ASP A 228 31.23 0.14 2.71
N ASN A 229 30.67 0.82 3.71
CA ASN A 229 30.38 0.20 4.99
C ASN A 229 29.29 -0.84 4.86
N LEU A 230 28.28 -0.53 4.05
CA LEU A 230 27.16 -1.43 3.80
C LEU A 230 27.73 -2.74 3.27
N LYS A 231 28.79 -2.66 2.48
CA LYS A 231 29.44 -3.84 1.93
C LYS A 231 30.23 -4.58 3.00
N ILE A 232 30.73 -3.83 3.98
CA ILE A 232 31.48 -4.39 5.11
C ILE A 232 30.49 -5.10 6.01
N GLN A 233 29.33 -4.48 6.18
CA GLN A 233 28.26 -5.00 7.02
C GLN A 233 27.76 -6.34 6.49
N MET A 234 27.71 -6.48 5.16
CA MET A 234 27.25 -7.72 4.55
C MET A 234 28.17 -8.90 4.79
N GLU A 235 29.36 -8.64 5.33
CA GLU A 235 30.32 -9.70 5.61
C GLU A 235 30.37 -10.00 7.11
N ARG A 236 29.79 -9.10 7.90
CA ARG A 236 29.75 -9.26 9.35
C ARG A 236 28.89 -10.44 9.78
N GLU A 237 29.34 -11.12 10.84
CA GLU A 237 28.68 -12.29 11.41
C GLU A 237 27.24 -12.01 11.83
N GLN A 238 26.37 -12.99 11.62
CA GLN A 238 24.95 -12.88 11.97
C GLN A 238 24.65 -13.84 13.11
N PHE A 239 24.08 -13.34 14.20
CA PHE A 239 23.74 -14.17 15.35
C PHE A 239 22.26 -14.54 15.34
N GLU A 240 21.86 -15.33 16.34
CA GLU A 240 20.46 -15.73 16.49
C GLU A 240 19.72 -14.51 17.01
N ALA A 241 18.47 -14.34 16.58
CA ALA A 241 17.69 -13.19 17.01
C ALA A 241 17.51 -13.18 18.52
N PRO A 242 17.44 -11.98 19.13
CA PRO A 242 17.25 -11.90 20.58
C PRO A 242 15.77 -12.14 20.92
N GLU A 243 15.47 -12.22 22.20
CA GLU A 243 14.09 -12.44 22.61
C GLU A 243 13.50 -11.13 23.09
N LEU A 244 12.31 -10.81 22.62
CA LEU A 244 11.66 -9.59 23.04
C LEU A 244 10.67 -9.95 24.15
N TRP A 245 10.83 -9.33 25.32
CA TRP A 245 9.94 -9.57 26.44
C TRP A 245 8.96 -8.43 26.51
N ILE A 246 7.68 -8.76 26.63
CA ILE A 246 6.63 -7.76 26.77
C ILE A 246 5.83 -8.19 28.00
N ASN A 247 5.42 -7.21 28.81
CA ASN A 247 4.66 -7.47 30.03
C ASN A 247 3.37 -8.22 29.70
N PRO A 248 3.35 -9.55 29.98
CA PRO A 248 2.20 -10.43 29.73
C PRO A 248 0.94 -10.00 30.47
N GLU A 249 1.11 -9.20 31.51
CA GLU A 249 -0.01 -8.72 32.31
C GLU A 249 -0.80 -7.60 31.68
N VAL A 250 -0.23 -6.95 30.67
CA VAL A 250 -0.92 -5.84 30.02
C VAL A 250 -2.04 -6.34 29.11
N LYS A 251 -3.25 -5.89 29.42
CA LYS A 251 -4.45 -6.29 28.68
C LYS A 251 -5.08 -5.13 27.94
N ASP A 252 -4.72 -3.90 28.31
CA ASP A 252 -5.26 -2.72 27.65
C ASP A 252 -4.13 -2.02 26.90
N PHE A 253 -4.36 -1.78 25.61
CA PHE A 253 -3.41 -1.14 24.72
C PHE A 253 -2.80 0.13 25.31
N TYR A 254 -3.67 0.95 25.89
CA TYR A 254 -3.26 2.20 26.49
C TYR A 254 -2.58 2.06 27.83
N ASP A 255 -2.21 0.84 28.21
CA ASP A 255 -1.54 0.63 29.48
C ASP A 255 -0.07 0.20 29.35
N PHE A 256 0.39 0.04 28.11
CA PHE A 256 1.79 -0.32 27.85
C PHE A 256 2.66 0.89 28.16
N THR A 257 3.84 0.65 28.74
CA THR A 257 4.78 1.72 29.05
C THR A 257 6.11 1.23 28.50
N ILE A 258 7.09 2.11 28.48
CA ILE A 258 8.41 1.75 27.97
C ILE A 258 9.04 0.66 28.82
N ASP A 259 8.61 0.57 30.07
CA ASP A 259 9.16 -0.42 30.99
C ASP A 259 8.71 -1.85 30.66
N ASP A 260 7.55 -1.97 30.02
CA ASP A 260 6.98 -3.27 29.67
C ASP A 260 7.69 -4.01 28.53
N PHE A 261 8.74 -3.43 27.99
CA PHE A 261 9.48 -4.04 26.89
C PHE A 261 10.94 -4.20 27.27
N LYS A 262 11.54 -5.29 26.82
CA LYS A 262 12.94 -5.54 27.10
C LYS A 262 13.47 -6.55 26.11
N LEU A 263 14.51 -6.18 25.38
CA LEU A 263 15.10 -7.10 24.43
C LEU A 263 16.09 -7.91 25.24
N ILE A 264 16.08 -9.23 25.06
CA ILE A 264 16.91 -10.14 25.82
C ILE A 264 17.91 -10.91 24.96
N ASN A 265 19.20 -10.66 25.24
CA ASN A 265 20.33 -11.28 24.54
C ASN A 265 20.58 -10.72 23.14
N TYR A 266 20.58 -9.40 23.03
CA TYR A 266 20.80 -8.74 21.75
C TYR A 266 22.29 -8.66 21.41
N LYS A 267 22.81 -9.71 20.76
CA LYS A 267 24.20 -9.77 20.35
C LYS A 267 24.27 -9.14 18.95
N HIS A 268 25.21 -8.23 18.74
CA HIS A 268 25.34 -7.59 17.43
C HIS A 268 26.77 -7.44 16.92
N GLY A 269 26.90 -6.93 15.70
CA GLY A 269 28.19 -6.76 15.04
C GLY A 269 29.29 -5.85 15.57
N ASP A 270 28.99 -4.56 15.72
CA ASP A 270 29.95 -3.56 16.21
C ASP A 270 29.49 -2.20 15.71
N LYS A 271 30.29 -1.18 15.93
CA LYS A 271 29.92 0.15 15.46
C LYS A 271 30.21 0.29 13.96
N LEU A 272 29.28 0.88 13.24
CA LEU A 272 29.39 1.12 11.80
C LEU A 272 28.37 2.20 11.48
N LEU A 273 28.55 3.39 12.06
CA LEU A 273 27.61 4.46 11.81
C LEU A 273 27.74 5.01 10.39
N PHE A 274 26.61 5.45 9.86
CA PHE A 274 26.53 6.02 8.53
C PHE A 274 26.18 7.50 8.72
N GLU A 275 26.78 8.37 7.91
CA GLU A 275 26.52 9.80 7.99
C GLU A 275 25.08 10.11 7.60
N VAL A 276 24.53 11.19 8.18
CA VAL A 276 23.17 11.62 7.87
C VAL A 276 23.20 12.79 6.89
N ALA A 277 22.30 12.75 5.91
CA ALA A 277 22.23 13.80 4.90
C ALA A 277 21.10 14.75 5.24
N VAL A 278 21.39 16.06 5.18
CA VAL A 278 20.42 17.10 5.48
C VAL A 278 20.25 17.94 4.20
N THR B 1 5.75 -10.54 -21.22
CA THR B 1 5.07 -10.78 -19.91
C THR B 1 3.88 -11.68 -20.25
N GLN B 2 2.91 -11.76 -19.35
CA GLN B 2 1.70 -12.54 -19.58
C GLN B 2 0.86 -12.63 -18.31
N PHE B 3 -0.27 -11.94 -18.35
CA PHE B 3 -1.23 -11.90 -17.26
C PHE B 3 -1.68 -13.33 -16.95
N ASP B 4 -2.05 -14.09 -17.97
CA ASP B 4 -2.52 -15.47 -17.82
C ASP B 4 -1.63 -16.37 -16.95
N LYS B 5 -0.33 -16.32 -17.17
CA LYS B 5 0.61 -17.14 -16.41
C LYS B 5 0.63 -16.75 -14.92
N GLN B 6 0.77 -15.46 -14.65
CA GLN B 6 0.82 -14.95 -13.27
C GLN B 6 -0.50 -15.14 -12.54
N TYR B 7 -1.61 -14.91 -13.24
CA TYR B 7 -2.95 -15.08 -12.71
C TYR B 7 -3.14 -16.54 -12.27
N ASN B 8 -2.85 -17.47 -13.17
CA ASN B 8 -2.99 -18.89 -12.87
C ASN B 8 -2.17 -19.26 -11.67
N SER B 9 -1.00 -18.64 -11.55
CA SER B 9 -0.11 -18.92 -10.41
C SER B 9 -0.75 -18.53 -9.10
N ILE B 10 -1.41 -17.39 -9.07
CA ILE B 10 -2.08 -16.95 -7.86
C ILE B 10 -3.28 -17.87 -7.58
N ILE B 11 -4.11 -18.10 -8.60
CA ILE B 11 -5.27 -18.96 -8.45
C ILE B 11 -4.88 -20.32 -7.87
N LYS B 12 -3.84 -20.91 -8.43
CA LYS B 12 -3.38 -22.21 -7.97
C LYS B 12 -2.87 -22.08 -6.53
N ASP B 13 -2.22 -20.96 -6.24
CA ASP B 13 -1.69 -20.73 -4.91
C ASP B 13 -2.82 -20.77 -3.90
N ILE B 14 -3.90 -20.07 -4.22
CA ILE B 14 -5.09 -20.00 -3.37
C ILE B 14 -5.68 -21.39 -3.11
N ILE B 15 -5.93 -22.12 -4.20
CA ILE B 15 -6.50 -23.46 -4.13
C ILE B 15 -5.72 -24.39 -3.20
N ASN B 16 -4.39 -24.36 -3.28
CA ASN B 16 -3.53 -25.22 -2.49
C ASN B 16 -3.12 -24.74 -1.09
N ASN B 17 -2.94 -23.43 -0.92
CA ASN B 17 -2.49 -22.89 0.36
C ASN B 17 -3.44 -21.90 1.00
N GLY B 18 -4.63 -21.75 0.43
CA GLY B 18 -5.57 -20.79 0.97
C GLY B 18 -6.10 -21.12 2.35
N ILE B 19 -6.59 -20.10 3.02
CA ILE B 19 -7.18 -20.22 4.34
C ILE B 19 -8.60 -19.71 4.20
N SER B 20 -9.58 -20.53 4.54
CA SER B 20 -10.97 -20.14 4.42
C SER B 20 -11.39 -19.31 5.62
N ASP B 21 -12.56 -18.71 5.50
CA ASP B 21 -13.12 -17.91 6.60
C ASP B 21 -14.45 -18.58 6.92
N GLU B 22 -14.50 -19.89 6.74
CA GLU B 22 -15.71 -20.69 6.96
C GLU B 22 -16.26 -20.70 8.38
N GLU B 23 -15.40 -20.45 9.37
CA GLU B 23 -15.82 -20.45 10.76
C GLU B 23 -16.36 -19.11 11.23
N PHE B 24 -16.28 -18.09 10.36
CA PHE B 24 -16.74 -16.74 10.71
C PHE B 24 -18.10 -16.41 10.13
N ASP B 25 -18.77 -15.45 10.75
CA ASP B 25 -20.06 -14.96 10.27
C ASP B 25 -19.72 -13.86 9.27
N VAL B 26 -19.73 -14.21 7.99
CA VAL B 26 -19.39 -13.28 6.91
C VAL B 26 -20.53 -12.40 6.42
N ARG B 27 -20.21 -11.16 6.06
CA ARG B 27 -21.21 -10.22 5.56
C ARG B 27 -21.63 -10.50 4.11
N THR B 28 -20.82 -11.30 3.43
CA THR B 28 -21.10 -11.64 2.05
C THR B 28 -22.03 -12.84 1.96
N LYS B 29 -22.98 -12.79 1.05
CA LYS B 29 -23.94 -13.87 0.85
C LYS B 29 -24.19 -14.07 -0.64
N TRP B 30 -24.62 -15.28 -1.00
CA TRP B 30 -24.90 -15.59 -2.39
C TRP B 30 -26.26 -15.05 -2.78
N ASP B 31 -26.31 -14.27 -3.88
CA ASP B 31 -27.55 -13.68 -4.35
C ASP B 31 -28.61 -14.73 -4.71
N SER B 32 -28.16 -15.95 -5.02
CA SER B 32 -29.09 -17.01 -5.39
C SER B 32 -29.89 -17.57 -4.22
N ASP B 33 -29.19 -18.15 -3.24
CA ASP B 33 -29.84 -18.74 -2.09
C ASP B 33 -29.64 -18.04 -0.74
N GLY B 34 -29.00 -16.88 -0.76
CA GLY B 34 -28.76 -16.14 0.47
C GLY B 34 -27.74 -16.71 1.44
N THR B 35 -27.30 -17.94 1.22
CA THR B 35 -26.33 -18.57 2.09
C THR B 35 -25.03 -17.76 2.16
N PRO B 36 -24.30 -17.86 3.28
CA PRO B 36 -23.04 -17.11 3.44
C PRO B 36 -22.02 -17.44 2.36
N ALA B 37 -21.49 -16.40 1.73
CA ALA B 37 -20.49 -16.53 0.68
C ALA B 37 -19.11 -16.51 1.31
N HIS B 38 -18.49 -17.68 1.36
CA HIS B 38 -17.17 -17.80 1.94
C HIS B 38 -16.05 -17.71 0.94
N THR B 39 -14.93 -17.13 1.37
CA THR B 39 -13.78 -16.98 0.52
C THR B 39 -12.66 -17.89 1.00
N LEU B 40 -11.66 -18.04 0.15
CA LEU B 40 -10.48 -18.85 0.43
C LEU B 40 -9.37 -17.87 0.04
N SER B 41 -8.44 -17.57 0.94
CA SER B 41 -7.45 -16.57 0.59
C SER B 41 -5.99 -16.74 0.94
N VAL B 42 -5.19 -15.91 0.27
CA VAL B 42 -3.75 -15.82 0.44
C VAL B 42 -3.53 -14.35 0.78
N ILE B 43 -2.47 -14.05 1.54
CA ILE B 43 -2.18 -12.68 1.93
C ILE B 43 -0.96 -12.11 1.24
N SER B 44 -1.12 -10.88 0.73
CA SER B 44 -0.07 -10.15 0.06
C SER B 44 0.42 -10.76 -1.23
N LYS B 45 -0.24 -10.42 -2.34
CA LYS B 45 0.15 -10.94 -3.64
C LYS B 45 0.47 -9.80 -4.60
N GLN B 46 1.53 -9.95 -5.36
CA GLN B 46 1.95 -8.92 -6.30
C GLN B 46 2.17 -9.49 -7.68
N MET B 47 1.79 -8.74 -8.70
CA MET B 47 1.97 -9.14 -10.09
C MET B 47 2.74 -8.00 -10.74
N ARG B 48 3.87 -8.30 -11.38
CA ARG B 48 4.69 -7.28 -12.03
C ARG B 48 4.70 -7.48 -13.55
N PHE B 49 4.60 -6.36 -14.28
CA PHE B 49 4.60 -6.38 -15.74
C PHE B 49 5.52 -5.28 -16.29
N ASP B 50 6.37 -5.64 -17.28
CA ASP B 50 7.28 -4.68 -17.90
C ASP B 50 6.66 -3.89 -19.07
N ASN B 51 5.36 -4.08 -19.27
CA ASN B 51 4.64 -3.40 -20.33
C ASN B 51 5.01 -3.74 -21.78
N SER B 52 5.65 -4.90 -21.97
CA SER B 52 5.99 -5.36 -23.30
C SER B 52 4.70 -5.97 -23.89
N GLU B 53 3.66 -6.04 -23.05
CA GLU B 53 2.36 -6.60 -23.42
C GLU B 53 1.33 -5.92 -22.53
N VAL B 54 0.11 -5.75 -23.03
CA VAL B 54 -0.95 -5.20 -22.19
C VAL B 54 -1.41 -6.39 -21.35
N PRO B 55 -1.33 -6.27 -20.01
CA PRO B 55 -1.75 -7.36 -19.13
C PRO B 55 -3.26 -7.58 -19.21
N ILE B 56 -3.68 -8.61 -19.93
CA ILE B 56 -5.10 -8.90 -20.04
C ILE B 56 -5.27 -10.41 -20.09
N LEU B 57 -6.40 -10.88 -19.57
CA LEU B 57 -6.72 -12.30 -19.53
C LEU B 57 -7.25 -12.76 -20.89
N THR B 58 -6.79 -13.93 -21.32
CA THR B 58 -7.25 -14.46 -22.60
C THR B 58 -8.05 -15.75 -22.42
N THR B 59 -7.91 -16.41 -21.26
CA THR B 59 -8.64 -17.65 -20.98
C THR B 59 -10.15 -17.44 -20.86
N LYS B 60 -10.57 -16.18 -20.79
CA LYS B 60 -11.97 -15.83 -20.75
C LYS B 60 -11.95 -14.38 -21.19
N LYS B 61 -13.11 -13.81 -21.47
CA LYS B 61 -13.15 -12.42 -21.91
C LYS B 61 -13.17 -11.43 -20.74
N VAL B 62 -12.49 -10.31 -20.91
CA VAL B 62 -12.44 -9.25 -19.92
C VAL B 62 -13.25 -8.09 -20.52
N ALA B 63 -14.16 -7.51 -19.72
CA ALA B 63 -14.99 -6.40 -20.20
C ALA B 63 -14.18 -5.12 -20.28
N TRP B 64 -13.23 -5.09 -21.19
CA TRP B 64 -12.34 -3.94 -21.34
C TRP B 64 -13.00 -2.58 -21.61
N LYS B 65 -14.05 -2.52 -22.41
CA LYS B 65 -14.68 -1.23 -22.66
C LYS B 65 -15.33 -0.61 -21.43
N THR B 66 -15.75 -1.47 -20.50
CA THR B 66 -16.37 -0.99 -19.28
C THR B 66 -15.27 -0.58 -18.28
N ALA B 67 -14.14 -1.29 -18.34
CA ALA B 67 -13.01 -1.00 -17.49
C ALA B 67 -12.54 0.43 -17.76
N ILE B 68 -12.35 0.75 -19.03
CA ILE B 68 -11.93 2.08 -19.42
C ILE B 68 -13.00 3.14 -19.12
N LYS B 69 -14.27 2.84 -19.42
CA LYS B 69 -15.38 3.77 -19.14
C LYS B 69 -15.42 4.12 -17.66
N GLU B 70 -15.25 3.09 -16.83
CA GLU B 70 -15.26 3.24 -15.38
C GLU B 70 -14.07 4.10 -14.98
N LEU B 71 -12.91 3.82 -15.59
CA LEU B 71 -11.69 4.57 -15.32
C LEU B 71 -11.87 6.06 -15.58
N LEU B 72 -12.43 6.40 -16.74
CA LEU B 72 -12.65 7.79 -17.11
C LEU B 72 -13.55 8.49 -16.11
N TRP B 73 -14.61 7.80 -15.69
CA TRP B 73 -15.58 8.34 -14.74
C TRP B 73 -14.93 8.68 -13.40
N ILE B 74 -14.12 7.76 -12.89
CA ILE B 74 -13.42 7.91 -11.61
C ILE B 74 -12.29 8.96 -11.70
N TRP B 75 -11.35 8.73 -12.60
CA TRP B 75 -10.20 9.61 -12.77
C TRP B 75 -10.38 10.90 -13.57
N GLN B 76 -10.78 10.80 -14.83
CA GLN B 76 -10.94 11.99 -15.66
C GLN B 76 -12.08 12.91 -15.29
N LEU B 77 -13.29 12.38 -15.30
CA LEU B 77 -14.46 13.18 -14.94
C LEU B 77 -14.48 13.45 -13.45
N LYS B 78 -13.80 12.61 -12.68
CA LYS B 78 -13.76 12.71 -11.21
C LYS B 78 -15.17 12.81 -10.67
N SER B 79 -16.05 11.97 -11.20
CA SER B 79 -17.45 11.98 -10.80
C SER B 79 -17.84 10.84 -9.85
N ASN B 80 -18.78 11.14 -8.96
CA ASN B 80 -19.29 10.16 -8.02
C ASN B 80 -20.77 9.95 -8.39
N ASP B 81 -21.20 10.68 -9.41
CA ASP B 81 -22.56 10.65 -9.92
C ASP B 81 -22.69 9.44 -10.83
N VAL B 82 -23.63 8.56 -10.52
CA VAL B 82 -23.86 7.37 -11.32
C VAL B 82 -24.53 7.69 -12.64
N ASN B 83 -25.29 8.78 -12.68
CA ASN B 83 -25.97 9.17 -13.92
C ASN B 83 -24.94 9.42 -15.03
N ASP B 84 -23.81 10.03 -14.67
CA ASP B 84 -22.75 10.30 -15.65
C ASP B 84 -22.20 9.01 -16.19
N LEU B 85 -22.15 7.98 -15.35
CA LEU B 85 -21.66 6.69 -15.79
C LEU B 85 -22.72 6.03 -16.68
N ASN B 86 -23.99 6.31 -16.40
CA ASN B 86 -25.08 5.75 -17.18
C ASN B 86 -25.05 6.29 -18.60
N MET B 87 -24.84 7.59 -18.74
CA MET B 87 -24.74 8.24 -20.04
C MET B 87 -23.62 7.62 -20.88
N MET B 88 -22.68 6.93 -20.23
CA MET B 88 -21.58 6.26 -20.92
C MET B 88 -22.02 4.82 -21.25
N GLY B 89 -23.30 4.53 -21.02
CA GLY B 89 -23.83 3.21 -21.27
C GLY B 89 -23.45 2.14 -20.26
N VAL B 90 -23.23 2.52 -19.00
CA VAL B 90 -22.88 1.54 -17.98
C VAL B 90 -23.91 1.58 -16.87
N HIS B 91 -24.43 0.42 -16.50
CA HIS B 91 -25.43 0.34 -15.45
C HIS B 91 -25.01 -0.54 -14.27
N ILE B 92 -23.78 -1.06 -14.30
CA ILE B 92 -23.30 -1.94 -13.23
C ILE B 92 -23.17 -1.31 -11.85
N TRP B 93 -23.06 0.01 -11.77
CA TRP B 93 -22.95 0.68 -10.46
C TRP B 93 -24.29 1.14 -9.90
N ASP B 94 -25.35 1.00 -10.69
CA ASP B 94 -26.70 1.42 -10.30
C ASP B 94 -27.15 0.91 -8.93
N GLN B 95 -26.71 -0.28 -8.58
CA GLN B 95 -27.04 -0.89 -7.31
C GLN B 95 -26.52 -0.09 -6.12
N TRP B 96 -25.46 0.68 -6.34
CA TRP B 96 -24.83 1.47 -5.28
C TRP B 96 -25.27 2.92 -5.14
N LYS B 97 -26.14 3.41 -6.02
CA LYS B 97 -26.51 4.81 -5.90
C LYS B 97 -27.52 5.13 -4.80
N GLN B 98 -27.19 6.17 -4.04
CA GLN B 98 -28.03 6.66 -2.95
C GLN B 98 -29.15 7.46 -3.57
N GLU B 99 -29.98 8.11 -2.75
CA GLU B 99 -31.11 8.86 -3.29
C GLU B 99 -30.67 9.95 -4.25
N ASP B 100 -29.59 10.64 -3.91
CA ASP B 100 -29.05 11.71 -4.75
C ASP B 100 -28.41 11.22 -6.05
N GLY B 101 -28.38 9.90 -6.24
CA GLY B 101 -27.80 9.36 -7.45
C GLY B 101 -26.29 9.32 -7.45
N THR B 102 -25.67 9.56 -6.30
CA THR B 102 -24.21 9.53 -6.19
C THR B 102 -23.86 8.35 -5.30
N ILE B 103 -22.61 7.91 -5.35
CA ILE B 103 -22.15 6.82 -4.52
C ILE B 103 -21.49 7.37 -3.25
N GLY B 104 -21.93 8.55 -2.82
CA GLY B 104 -21.36 9.16 -1.64
C GLY B 104 -20.04 9.86 -1.93
N HIS B 105 -19.24 10.05 -0.89
CA HIS B 105 -17.96 10.71 -1.01
C HIS B 105 -16.83 9.74 -1.33
N ALA B 106 -17.11 8.79 -2.23
CA ALA B 106 -16.12 7.80 -2.61
C ALA B 106 -15.57 7.99 -4.02
N TYR B 107 -14.51 7.25 -4.33
CA TYR B 107 -13.85 7.27 -5.63
C TYR B 107 -13.63 8.64 -6.27
N GLY B 108 -14.32 8.89 -7.38
CA GLY B 108 -14.19 10.15 -8.10
C GLY B 108 -14.28 11.38 -7.25
N PHE B 109 -15.08 11.33 -6.19
CA PHE B 109 -15.23 12.48 -5.30
C PHE B 109 -13.91 12.83 -4.62
N GLN B 110 -13.16 11.81 -4.23
CA GLN B 110 -11.88 12.04 -3.58
C GLN B 110 -10.89 12.63 -4.58
N LEU B 111 -10.85 12.05 -5.79
CA LEU B 111 -9.94 12.52 -6.82
C LEU B 111 -10.25 13.94 -7.32
N GLY B 112 -11.48 14.37 -7.13
CA GLY B 112 -11.86 15.70 -7.56
C GLY B 112 -11.90 16.72 -6.45
N LYS B 113 -11.51 16.32 -5.24
CA LYS B 113 -11.52 17.25 -4.12
C LYS B 113 -10.30 18.19 -4.23
N LYS B 114 -10.55 19.49 -4.35
CA LYS B 114 -9.48 20.48 -4.47
C LYS B 114 -8.86 20.75 -3.09
N ASN B 115 -7.87 19.94 -2.75
CA ASN B 115 -7.23 20.03 -1.46
C ASN B 115 -5.72 20.29 -1.43
N ARG B 116 -5.08 20.42 -2.58
CA ARG B 116 -3.64 20.68 -2.59
C ARG B 116 -3.33 22.08 -3.07
N SER B 117 -2.45 22.76 -2.35
CA SER B 117 -2.08 24.10 -2.72
C SER B 117 -1.01 24.00 -3.80
N LEU B 118 -1.19 24.74 -4.88
CA LEU B 118 -0.26 24.74 -5.98
C LEU B 118 -0.33 26.12 -6.64
N ASN B 119 0.78 26.84 -6.56
CA ASN B 119 0.91 28.19 -7.13
C ASN B 119 -0.27 29.08 -6.73
N GLY B 120 -0.54 29.13 -5.42
CA GLY B 120 -1.64 29.94 -4.92
C GLY B 120 -3.00 29.56 -5.46
N GLU B 121 -3.15 28.28 -5.81
CA GLU B 121 -4.39 27.77 -6.35
C GLU B 121 -4.60 26.37 -5.75
N LYS B 122 -5.83 26.02 -5.43
CA LYS B 122 -6.11 24.69 -4.87
C LYS B 122 -6.42 23.72 -6.00
N VAL B 123 -5.63 22.65 -6.14
CA VAL B 123 -5.87 21.66 -7.17
C VAL B 123 -6.26 20.32 -6.54
N ASP B 124 -6.68 19.36 -7.37
CA ASP B 124 -7.04 18.04 -6.87
C ASP B 124 -5.90 17.06 -7.09
N GLN B 125 -6.03 15.86 -6.53
CA GLN B 125 -4.98 14.83 -6.64
C GLN B 125 -4.51 14.54 -8.05
N VAL B 126 -5.42 14.64 -9.02
CA VAL B 126 -5.05 14.35 -10.41
C VAL B 126 -4.22 15.49 -10.99
N ASP B 127 -4.70 16.73 -10.87
CA ASP B 127 -3.96 17.87 -11.39
C ASP B 127 -2.58 17.94 -10.75
N TYR B 128 -2.55 17.82 -9.43
CA TYR B 128 -1.30 17.88 -8.67
C TYR B 128 -0.32 16.81 -9.16
N LEU B 129 -0.81 15.60 -9.35
CA LEU B 129 0.03 14.49 -9.82
C LEU B 129 0.63 14.82 -11.18
N LEU B 130 -0.21 15.21 -12.13
CA LEU B 130 0.21 15.54 -13.49
C LEU B 130 1.30 16.61 -13.52
N HIS B 131 1.08 17.71 -12.81
CA HIS B 131 2.06 18.80 -12.71
C HIS B 131 3.37 18.25 -12.15
N GLN B 132 3.30 17.63 -10.97
CA GLN B 132 4.47 17.08 -10.31
C GLN B 132 5.24 16.03 -11.12
N LEU B 133 4.55 15.27 -11.95
CA LEU B 133 5.26 14.26 -12.73
C LEU B 133 6.21 14.92 -13.72
N LYS B 134 5.78 16.05 -14.28
CA LYS B 134 6.59 16.77 -15.24
C LYS B 134 7.51 17.75 -14.53
N ASN B 135 6.93 18.61 -13.71
CA ASN B 135 7.68 19.63 -12.97
C ASN B 135 8.56 19.15 -11.82
N ASN B 136 8.08 18.18 -11.05
CA ASN B 136 8.88 17.68 -9.94
C ASN B 136 9.05 16.18 -10.00
N PRO B 137 9.62 15.68 -11.11
CA PRO B 137 9.82 14.24 -11.19
C PRO B 137 10.78 13.84 -10.07
N SER B 138 10.89 12.56 -9.82
CA SER B 138 11.80 12.06 -8.79
C SER B 138 11.30 12.26 -7.35
N SER B 139 10.13 12.87 -7.17
CA SER B 139 9.61 13.02 -5.82
C SER B 139 9.18 11.63 -5.38
N ARG B 140 9.28 11.35 -4.09
CA ARG B 140 8.90 10.05 -3.56
C ARG B 140 7.51 10.13 -2.98
N ARG B 141 6.76 11.12 -3.44
CA ARG B 141 5.41 11.34 -2.95
C ARG B 141 4.37 11.39 -4.05
N HIS B 142 4.62 10.71 -5.16
CA HIS B 142 3.65 10.64 -6.26
C HIS B 142 2.63 9.58 -5.88
N ILE B 143 1.72 9.97 -5.01
CA ILE B 143 0.70 9.08 -4.47
C ILE B 143 -0.71 9.65 -4.49
N THR B 144 -1.66 8.82 -4.93
CA THR B 144 -3.08 9.19 -4.91
C THR B 144 -3.70 8.30 -3.83
N MET B 145 -4.71 8.82 -3.16
CA MET B 145 -5.37 8.08 -2.10
C MET B 145 -6.88 8.22 -2.14
N LEU B 146 -7.56 7.09 -2.27
CA LEU B 146 -9.01 7.08 -2.27
C LEU B 146 -9.48 6.84 -0.84
N TRP B 147 -8.65 6.15 -0.07
CA TRP B 147 -8.94 5.83 1.32
C TRP B 147 -8.81 7.05 2.22
N ASN B 148 -9.75 7.99 2.13
CA ASN B 148 -9.71 9.18 2.98
C ASN B 148 -10.30 8.79 4.34
N PRO B 149 -9.46 8.80 5.40
CA PRO B 149 -9.90 8.45 6.77
C PRO B 149 -11.10 9.23 7.27
N ASP B 150 -11.15 10.52 6.96
CA ASP B 150 -12.25 11.39 7.41
C ASP B 150 -13.57 11.13 6.70
N GLU B 151 -13.47 10.66 5.47
CA GLU B 151 -14.65 10.42 4.63
C GLU B 151 -15.22 8.99 4.63
N LEU B 152 -14.48 8.06 5.23
CA LEU B 152 -14.88 6.67 5.28
C LEU B 152 -16.35 6.34 5.55
N ASP B 153 -17.00 7.05 6.47
CA ASP B 153 -18.41 6.77 6.75
C ASP B 153 -19.39 7.38 5.75
N ALA B 154 -18.92 8.35 4.97
CA ALA B 154 -19.79 9.02 4.00
C ALA B 154 -19.64 8.42 2.61
N MET B 155 -19.16 7.18 2.55
CA MET B 155 -18.97 6.50 1.28
C MET B 155 -19.96 5.35 1.12
N ALA B 156 -20.73 5.38 0.03
CA ALA B 156 -21.72 4.33 -0.22
C ALA B 156 -21.01 2.98 -0.32
N LEU B 157 -19.73 3.01 -0.68
CA LEU B 157 -18.93 1.81 -0.81
C LEU B 157 -17.44 2.13 -0.74
N THR B 158 -16.69 1.29 -0.04
CA THR B 158 -15.25 1.48 0.14
C THR B 158 -14.48 0.80 -1.00
N PRO B 159 -13.52 1.53 -1.60
CA PRO B 159 -12.68 1.06 -2.70
C PRO B 159 -11.71 -0.09 -2.44
N CYS B 160 -11.55 -0.95 -3.44
CA CYS B 160 -10.65 -2.08 -3.33
C CYS B 160 -9.28 -1.57 -3.78
N VAL B 161 -9.20 -1.06 -5.00
CA VAL B 161 -7.95 -0.48 -5.51
C VAL B 161 -8.10 0.94 -5.01
N TYR B 162 -7.38 1.26 -3.93
CA TYR B 162 -7.51 2.58 -3.33
C TYR B 162 -6.32 3.53 -3.44
N GLU B 163 -5.18 3.03 -3.93
CA GLU B 163 -3.99 3.88 -4.07
C GLU B 163 -3.08 3.54 -5.26
N THR B 164 -2.17 4.47 -5.60
CA THR B 164 -1.19 4.28 -6.67
C THR B 164 0.06 5.06 -6.29
N GLN B 165 1.20 4.59 -6.75
CA GLN B 165 2.47 5.28 -6.54
C GLN B 165 3.19 5.26 -7.88
N TRP B 166 3.62 6.42 -8.34
CA TRP B 166 4.31 6.56 -9.62
C TRP B 166 5.78 6.85 -9.39
N TYR B 167 6.62 6.31 -10.27
CA TYR B 167 8.07 6.50 -10.16
C TYR B 167 8.69 6.86 -11.50
N VAL B 168 9.26 8.05 -11.60
CA VAL B 168 9.93 8.47 -12.83
C VAL B 168 11.44 8.24 -12.65
N LYS B 169 11.98 7.29 -13.40
CA LYS B 169 13.40 6.98 -13.33
C LYS B 169 13.95 6.82 -14.73
N HIS B 170 14.83 7.75 -15.10
CA HIS B 170 15.47 7.75 -16.41
C HIS B 170 14.44 7.77 -17.54
N GLY B 171 13.53 8.74 -17.46
CA GLY B 171 12.50 8.88 -18.47
C GLY B 171 11.29 7.99 -18.32
N LYS B 172 11.52 6.75 -17.87
CA LYS B 172 10.45 5.77 -17.68
C LYS B 172 9.57 6.09 -16.49
N LEU B 173 8.26 6.02 -16.70
CA LEU B 173 7.25 6.26 -15.65
C LEU B 173 6.78 4.87 -15.17
N HIS B 174 6.95 4.60 -13.88
CA HIS B 174 6.56 3.31 -13.31
C HIS B 174 5.31 3.50 -12.49
N LEU B 175 4.45 2.49 -12.48
CA LEU B 175 3.22 2.57 -11.72
C LEU B 175 3.04 1.36 -10.83
N GLU B 176 2.68 1.62 -9.58
CA GLU B 176 2.43 0.59 -8.59
C GLU B 176 1.11 0.92 -7.89
N VAL B 177 0.12 0.04 -8.04
CA VAL B 177 -1.17 0.27 -7.38
C VAL B 177 -1.41 -0.83 -6.36
N ARG B 178 -2.30 -0.57 -5.42
CA ARG B 178 -2.61 -1.55 -4.40
C ARG B 178 -4.10 -1.74 -4.17
N ALA B 179 -4.51 -3.00 -4.09
CA ALA B 179 -5.90 -3.36 -3.80
C ALA B 179 -5.92 -3.98 -2.38
N ARG B 180 -6.79 -3.49 -1.51
CA ARG B 180 -6.86 -4.01 -0.15
C ARG B 180 -7.33 -5.47 -0.18
N SER B 181 -8.26 -5.74 -1.06
CA SER B 181 -8.76 -7.09 -1.24
C SER B 181 -9.19 -7.16 -2.69
N ASN B 182 -9.02 -8.32 -3.31
CA ASN B 182 -9.41 -8.46 -4.69
C ASN B 182 -9.92 -9.87 -5.00
N ASP B 183 -11.14 -9.93 -5.51
CA ASP B 183 -11.78 -11.18 -5.92
C ASP B 183 -11.04 -11.55 -7.21
N MET B 184 -10.24 -12.60 -7.16
CA MET B 184 -9.48 -13.03 -8.32
C MET B 184 -10.27 -13.47 -9.56
N ALA B 185 -11.48 -13.98 -9.37
CA ALA B 185 -12.27 -14.43 -10.51
C ALA B 185 -13.02 -13.35 -11.28
N LEU B 186 -13.61 -12.41 -10.56
CA LEU B 186 -14.41 -11.37 -11.18
C LEU B 186 -13.84 -9.98 -11.21
N GLY B 187 -13.23 -9.55 -10.11
CA GLY B 187 -12.69 -8.20 -10.07
C GLY B 187 -11.26 -8.02 -10.55
N ASN B 188 -10.39 -8.98 -10.27
CA ASN B 188 -8.99 -8.86 -10.63
C ASN B 188 -8.66 -8.60 -12.10
N PRO B 189 -9.09 -9.48 -13.02
CA PRO B 189 -8.78 -9.25 -14.44
C PRO B 189 -9.19 -7.84 -14.88
N PHE B 190 -10.37 -7.42 -14.43
CA PHE B 190 -10.92 -6.11 -14.74
C PHE B 190 -10.02 -4.98 -14.21
N ASN B 191 -9.70 -5.04 -12.91
CA ASN B 191 -8.88 -4.04 -12.23
C ASN B 191 -7.45 -3.90 -12.73
N VAL B 192 -6.75 -5.03 -12.92
CA VAL B 192 -5.39 -4.99 -13.39
C VAL B 192 -5.26 -4.28 -14.73
N PHE B 193 -6.01 -4.75 -15.73
CA PHE B 193 -6.02 -4.14 -17.05
C PHE B 193 -6.35 -2.66 -16.91
N GLN B 194 -7.42 -2.37 -16.20
CA GLN B 194 -7.88 -1.00 -15.99
C GLN B 194 -6.76 -0.04 -15.57
N TYR B 195 -5.97 -0.42 -14.58
CA TYR B 195 -4.91 0.49 -14.15
C TYR B 195 -3.73 0.59 -15.08
N ASN B 196 -3.48 -0.45 -15.87
CA ASN B 196 -2.39 -0.38 -16.83
C ASN B 196 -2.72 0.71 -17.85
N VAL B 197 -3.98 0.74 -18.27
CA VAL B 197 -4.46 1.71 -19.24
C VAL B 197 -4.24 3.15 -18.70
N LEU B 198 -4.44 3.33 -17.40
CA LEU B 198 -4.24 4.64 -16.79
C LEU B 198 -2.76 5.01 -16.84
N GLN B 199 -1.90 3.99 -16.74
CA GLN B 199 -0.46 4.21 -16.76
C GLN B 199 -0.09 4.76 -18.13
N ARG B 200 -0.63 4.11 -19.16
CA ARG B 200 -0.39 4.49 -20.55
C ARG B 200 -0.93 5.86 -20.91
N MET B 201 -2.14 6.18 -20.44
CA MET B 201 -2.74 7.49 -20.69
C MET B 201 -1.86 8.59 -20.14
N ILE B 202 -1.42 8.43 -18.89
CA ILE B 202 -0.58 9.41 -18.22
C ILE B 202 0.84 9.50 -18.79
N ALA B 203 1.41 8.35 -19.14
CA ALA B 203 2.75 8.30 -19.73
C ALA B 203 2.75 8.96 -21.11
N GLN B 204 1.61 8.97 -21.77
CA GLN B 204 1.49 9.59 -23.09
C GLN B 204 1.36 11.09 -22.96
N VAL B 205 0.58 11.56 -21.99
CA VAL B 205 0.40 12.99 -21.83
C VAL B 205 1.51 13.71 -21.05
N THR B 206 2.47 12.96 -20.50
CA THR B 206 3.59 13.55 -19.77
C THR B 206 4.89 13.28 -20.54
N GLY B 207 4.77 12.51 -21.61
CA GLY B 207 5.92 12.21 -22.45
C GLY B 207 6.99 11.38 -21.80
N TYR B 208 6.59 10.28 -21.18
CA TYR B 208 7.53 9.38 -20.54
C TYR B 208 7.36 8.02 -21.18
N GLU B 209 8.42 7.22 -21.12
CA GLU B 209 8.35 5.88 -21.66
C GLU B 209 7.68 5.03 -20.60
N LEU B 210 7.10 3.90 -20.99
CA LEU B 210 6.44 3.06 -20.01
C LEU B 210 7.41 2.27 -19.15
N GLY B 211 7.26 2.43 -17.85
CA GLY B 211 8.10 1.68 -16.93
C GLY B 211 7.27 0.49 -16.49
N GLU B 212 7.69 -0.10 -15.38
CA GLU B 212 7.02 -1.27 -14.82
C GLU B 212 5.64 -0.95 -14.28
N TYR B 213 4.79 -1.98 -14.25
CA TYR B 213 3.43 -1.90 -13.74
C TYR B 213 3.37 -2.97 -12.67
N ILE B 214 3.10 -2.57 -11.44
CA ILE B 214 3.05 -3.49 -10.32
C ILE B 214 1.66 -3.42 -9.66
N PHE B 215 1.02 -4.59 -9.49
CA PHE B 215 -0.31 -4.66 -8.88
C PHE B 215 -0.24 -5.49 -7.60
N ASN B 216 -0.38 -4.83 -6.46
CA ASN B 216 -0.34 -5.52 -5.18
C ASN B 216 -1.74 -5.76 -4.67
N ILE B 217 -1.93 -6.88 -3.99
CA ILE B 217 -3.23 -7.27 -3.44
C ILE B 217 -3.07 -7.67 -1.97
N GLY B 218 -3.87 -7.07 -1.10
CA GLY B 218 -3.82 -7.39 0.32
C GLY B 218 -4.44 -8.75 0.54
N ASP B 219 -5.77 -8.78 0.62
CA ASP B 219 -6.52 -10.01 0.80
C ASP B 219 -6.85 -10.56 -0.57
N CYS B 220 -6.00 -11.45 -1.05
CA CYS B 220 -6.14 -12.09 -2.36
C CYS B 220 -7.01 -13.33 -2.17
N HIS B 221 -8.20 -13.36 -2.76
CA HIS B 221 -9.08 -14.51 -2.55
C HIS B 221 -9.99 -14.93 -3.69
N VAL B 222 -10.64 -16.08 -3.52
CA VAL B 222 -11.60 -16.60 -4.49
C VAL B 222 -12.74 -17.16 -3.65
N TYR B 223 -13.97 -17.00 -4.13
CA TYR B 223 -15.11 -17.53 -3.40
C TYR B 223 -15.18 -19.02 -3.68
N THR B 224 -15.49 -19.80 -2.65
CA THR B 224 -15.55 -21.27 -2.74
C THR B 224 -16.32 -21.82 -3.95
N ARG B 225 -17.45 -21.20 -4.27
CA ARG B 225 -18.24 -21.67 -5.41
C ARG B 225 -17.59 -21.40 -6.78
N HIS B 226 -16.52 -20.61 -6.81
CA HIS B 226 -15.87 -20.30 -8.09
C HIS B 226 -14.72 -21.24 -8.46
N ILE B 227 -14.34 -22.11 -7.52
CA ILE B 227 -13.21 -23.02 -7.73
C ILE B 227 -13.25 -24.00 -8.88
N ASP B 228 -14.40 -24.61 -9.15
CA ASP B 228 -14.49 -25.57 -10.25
C ASP B 228 -14.27 -24.96 -11.63
N ASN B 229 -14.81 -23.76 -11.85
CA ASN B 229 -14.64 -23.07 -13.13
C ASN B 229 -13.22 -22.53 -13.23
N LEU B 230 -12.66 -22.07 -12.11
CA LEU B 230 -11.30 -21.56 -12.08
C LEU B 230 -10.39 -22.71 -12.48
N LYS B 231 -10.76 -23.91 -12.04
CA LYS B 231 -10.01 -25.12 -12.36
C LYS B 231 -10.04 -25.32 -13.87
N ILE B 232 -11.23 -25.16 -14.45
CA ILE B 232 -11.45 -25.31 -15.88
C ILE B 232 -10.59 -24.30 -16.66
N GLN B 233 -10.79 -23.02 -16.33
CA GLN B 233 -10.08 -21.90 -16.92
C GLN B 233 -8.56 -22.10 -16.92
N MET B 234 -8.02 -22.68 -15.86
CA MET B 234 -6.59 -22.87 -15.81
C MET B 234 -6.11 -23.84 -16.89
N GLU B 235 -6.92 -24.86 -17.19
CA GLU B 235 -6.58 -25.84 -18.20
C GLU B 235 -6.81 -25.34 -19.63
N ARG B 236 -7.33 -24.13 -19.78
CA ARG B 236 -7.61 -23.57 -21.09
C ARG B 236 -6.39 -23.12 -21.90
N GLU B 237 -6.61 -22.96 -23.19
CA GLU B 237 -5.58 -22.53 -24.13
C GLU B 237 -5.46 -21.02 -24.03
N GLN B 238 -4.23 -20.54 -23.83
CA GLN B 238 -3.97 -19.12 -23.71
C GLN B 238 -3.65 -18.60 -25.09
N PHE B 239 -3.90 -17.31 -25.30
CA PHE B 239 -3.64 -16.67 -26.59
C PHE B 239 -2.61 -15.57 -26.43
N GLU B 240 -1.97 -15.21 -27.54
CA GLU B 240 -0.97 -14.15 -27.55
C GLU B 240 -1.63 -12.87 -27.07
N ALA B 241 -0.88 -12.04 -26.37
CA ALA B 241 -1.43 -10.78 -25.87
C ALA B 241 -1.79 -9.86 -27.02
N PRO B 242 -2.97 -9.23 -26.96
CA PRO B 242 -3.43 -8.32 -28.00
C PRO B 242 -2.66 -7.00 -27.97
N GLU B 243 -3.01 -6.10 -28.88
CA GLU B 243 -2.36 -4.81 -28.94
C GLU B 243 -3.38 -3.75 -28.58
N LEU B 244 -2.98 -2.81 -27.75
CA LEU B 244 -3.87 -1.73 -27.34
C LEU B 244 -3.45 -0.50 -28.11
N TRP B 245 -4.41 0.12 -28.80
CA TRP B 245 -4.13 1.33 -29.56
C TRP B 245 -4.75 2.52 -28.86
N ILE B 246 -3.96 3.54 -28.61
CA ILE B 246 -4.49 4.75 -27.98
C ILE B 246 -4.17 5.86 -28.97
N ASN B 247 -5.16 6.72 -29.23
CA ASN B 247 -5.00 7.84 -30.16
C ASN B 247 -3.70 8.58 -29.84
N PRO B 248 -2.72 8.49 -30.75
CA PRO B 248 -1.40 9.12 -30.63
C PRO B 248 -1.44 10.64 -30.68
N GLU B 249 -2.59 11.19 -31.00
CA GLU B 249 -2.75 12.62 -31.10
C GLU B 249 -3.20 13.30 -29.82
N VAL B 250 -3.68 12.52 -28.86
CA VAL B 250 -4.11 13.13 -27.61
C VAL B 250 -2.90 13.54 -26.79
N LYS B 251 -2.81 14.83 -26.49
CA LYS B 251 -1.71 15.36 -25.71
C LYS B 251 -2.16 15.77 -24.32
N ASP B 252 -3.47 15.76 -24.08
CA ASP B 252 -4.01 16.16 -22.77
C ASP B 252 -4.90 15.08 -22.14
N PHE B 253 -4.61 14.78 -20.88
CA PHE B 253 -5.33 13.77 -20.08
C PHE B 253 -6.85 13.87 -20.22
N TYR B 254 -7.37 15.10 -20.10
CA TYR B 254 -8.79 15.38 -20.19
C TYR B 254 -9.39 15.40 -21.61
N ASP B 255 -8.58 15.12 -22.61
CA ASP B 255 -9.07 15.11 -23.99
C ASP B 255 -9.50 13.72 -24.43
N PHE B 256 -9.10 12.72 -23.65
CA PHE B 256 -9.43 11.34 -23.95
C PHE B 256 -10.94 11.09 -23.91
N THR B 257 -11.39 10.19 -24.78
CA THR B 257 -12.77 9.76 -24.87
C THR B 257 -12.62 8.26 -25.09
N ILE B 258 -13.67 7.49 -24.81
CA ILE B 258 -13.56 6.04 -24.98
C ILE B 258 -13.15 5.62 -26.40
N ASP B 259 -13.53 6.43 -27.39
CA ASP B 259 -13.22 6.14 -28.81
C ASP B 259 -11.72 6.12 -29.13
N ASP B 260 -10.92 6.72 -28.26
CA ASP B 260 -9.48 6.78 -28.45
C ASP B 260 -8.82 5.47 -28.08
N PHE B 261 -9.62 4.54 -27.60
CA PHE B 261 -9.13 3.24 -27.17
C PHE B 261 -9.66 2.11 -28.04
N LYS B 262 -8.78 1.22 -28.45
CA LYS B 262 -9.19 0.13 -29.30
C LYS B 262 -8.25 -1.05 -29.17
N LEU B 263 -8.79 -2.19 -28.75
CA LEU B 263 -7.99 -3.39 -28.62
C LEU B 263 -8.02 -4.09 -29.97
N ILE B 264 -6.84 -4.46 -30.45
CA ILE B 264 -6.69 -5.13 -31.74
C ILE B 264 -6.24 -6.57 -31.54
N ASN B 265 -6.94 -7.49 -32.22
CA ASN B 265 -6.65 -8.92 -32.18
C ASN B 265 -6.80 -9.51 -30.78
N TYR B 266 -7.92 -9.20 -30.13
CA TYR B 266 -8.19 -9.73 -28.80
C TYR B 266 -8.91 -11.07 -28.91
N LYS B 267 -8.14 -12.16 -28.85
CA LYS B 267 -8.67 -13.52 -28.91
C LYS B 267 -8.74 -14.11 -27.51
N HIS B 268 -9.85 -14.76 -27.19
CA HIS B 268 -10.05 -15.32 -25.86
C HIS B 268 -10.94 -16.55 -25.81
N GLY B 269 -10.88 -17.26 -24.68
CA GLY B 269 -11.67 -18.47 -24.47
C GLY B 269 -13.15 -18.22 -24.37
N ASP B 270 -13.92 -19.32 -24.27
CA ASP B 270 -15.38 -19.26 -24.18
C ASP B 270 -15.92 -18.74 -22.85
N LYS B 271 -17.22 -18.49 -22.80
CA LYS B 271 -17.84 -17.95 -21.60
C LYS B 271 -17.84 -18.91 -20.41
N LEU B 272 -17.36 -18.42 -19.26
CA LEU B 272 -17.32 -19.16 -18.00
C LEU B 272 -18.23 -18.37 -17.06
N LEU B 273 -19.19 -19.03 -16.42
CA LEU B 273 -20.11 -18.32 -15.52
C LEU B 273 -19.62 -18.32 -14.07
N PHE B 274 -19.88 -17.22 -13.35
CA PHE B 274 -19.47 -17.09 -11.95
C PHE B 274 -20.56 -16.42 -11.15
N GLU B 275 -21.07 -17.12 -10.15
CA GLU B 275 -22.13 -16.58 -9.29
C GLU B 275 -21.68 -15.30 -8.60
N VAL B 276 -22.61 -14.35 -8.52
CA VAL B 276 -22.33 -13.07 -7.89
C VAL B 276 -22.56 -13.09 -6.38
N ALA B 277 -21.57 -12.58 -5.65
CA ALA B 277 -21.63 -12.49 -4.19
C ALA B 277 -22.12 -11.08 -3.87
N VAL B 278 -22.89 -10.93 -2.80
CA VAL B 278 -23.45 -9.63 -2.44
C VAL B 278 -23.12 -9.31 -0.99
P PO4 C . 11.18 12.15 0.99
O1 PO4 C . 11.02 13.41 1.96
O2 PO4 C . 12.52 12.29 0.35
O3 PO4 C . 10.04 12.38 0.09
O4 PO4 C . 11.09 10.98 1.89
P PO4 D . -15.42 -6.01 0.83
O1 PO4 D . -15.60 -5.16 2.20
O2 PO4 D . -13.96 -6.13 0.58
O3 PO4 D . -16.16 -5.17 -0.13
O4 PO4 D . -16.06 -7.30 1.12
#